data_3RVG
#
_entry.id   3RVG
#
_cell.length_a   124.433
_cell.length_b   124.433
_cell.length_c   36.734
_cell.angle_alpha   90.00
_cell.angle_beta   90.00
_cell.angle_gamma   120.00
#
_symmetry.space_group_name_H-M   'P 65'
#
loop_
_entity.id
_entity.type
_entity.pdbx_description
1 polymer 'Tyrosine-protein kinase JAK2'
2 non-polymer 1-(cyclohexylamino)-7-(1-methyl-1H-pyrazol-4-yl)-5H-pyrido[4,3-b]indole-4-carboxamide
3 water water
#
_entity_poly.entity_id   1
_entity_poly.type   'polypeptide(L)'
_entity_poly.pdbx_seq_one_letter_code
;MAFEDRDPTQFEERHLKFLQQLGKGNFGSVEMCRYDPLQDNTGEVVAVKKLQHSTEEHLRDFEREIEILKSLQHDNIVKY
KGVCYSAGRRNLKLIMEYLPYGSLRDYLQKHKERIDHIKLLQYTSQICKGMEYLGTKRYIHRDLATRNILVENENRVKIG
DFGLTKVLPQDKE(PTR)(PTR)KVKEPGESPIFWYAPESLTESKFSVASDVWSFGVVLYELFTYIEKSKSPPAEFMRMI
GNDKQGQMIVFHLIELLKNNGRLPRPDGCPDEIYMIMTECWNNNVNQRPSFRDLALRVDQIRDNMAGLVPR
;
_entity_poly.pdbx_strand_id   A
#
loop_
_chem_comp.id
_chem_comp.type
_chem_comp.name
_chem_comp.formula
17P non-polymer 1-(cyclohexylamino)-7-(1-methyl-1H-pyrazol-4-yl)-5H-pyrido[4,3-b]indole-4-carboxamide 'C22 H24 N6 O'
#
# COMPACT_ATOMS: atom_id res chain seq x y z
N PRO A 8 -17.73 -10.58 20.10
CA PRO A 8 -16.85 -11.38 19.22
C PRO A 8 -15.90 -10.47 18.46
N THR A 9 -16.47 -9.44 17.83
CA THR A 9 -15.73 -8.41 17.14
C THR A 9 -15.27 -7.38 18.17
N GLN A 10 -15.78 -7.55 19.40
CA GLN A 10 -15.49 -6.63 20.52
C GLN A 10 -14.30 -7.10 21.40
N PHE A 11 -13.28 -6.26 21.48
CA PHE A 11 -12.07 -6.57 22.25
C PHE A 11 -12.01 -5.70 23.50
N GLU A 12 -11.64 -6.34 24.61
CA GLU A 12 -11.63 -5.69 25.91
C GLU A 12 -10.26 -5.08 26.25
N GLU A 13 -10.23 -3.76 26.32
CA GLU A 13 -8.99 -2.99 26.51
C GLU A 13 -8.03 -3.51 27.59
N ARG A 14 -8.55 -3.91 28.76
CA ARG A 14 -7.67 -4.45 29.80
C ARG A 14 -6.90 -5.73 29.42
N HIS A 15 -7.35 -6.48 28.42
CA HIS A 15 -6.69 -7.76 28.07
C HIS A 15 -5.69 -7.68 26.93
N LEU A 16 -5.51 -6.47 26.41
CA LEU A 16 -4.59 -6.17 25.31
C LEU A 16 -3.24 -5.67 25.87
N LYS A 17 -2.28 -6.58 26.04
CA LYS A 17 -1.01 -6.16 26.61
C LYS A 17 -0.11 -5.60 25.50
N PHE A 18 0.51 -4.46 25.76
CA PHE A 18 1.46 -3.88 24.85
C PHE A 18 2.69 -4.78 24.77
N LEU A 19 3.34 -4.79 23.61
CA LEU A 19 4.56 -5.57 23.42
C LEU A 19 5.66 -4.70 22.84
N GLN A 20 5.42 -4.18 21.63
CA GLN A 20 6.30 -3.17 21.05
C GLN A 20 5.53 -2.31 20.07
N GLN A 21 6.16 -1.26 19.56
CA GLN A 21 5.65 -0.46 18.48
C GLN A 21 6.04 -1.16 17.20
N LEU A 22 5.21 -1.05 16.17
CA LEU A 22 5.56 -1.56 14.85
C LEU A 22 5.84 -0.44 13.86
N GLY A 23 5.22 0.71 14.06
CA GLY A 23 5.41 1.81 13.14
C GLY A 23 4.36 2.90 13.22
N LYS A 24 4.52 3.93 12.40
CA LYS A 24 3.61 5.06 12.36
C LYS A 24 3.23 5.40 10.92
N GLY A 25 1.94 5.39 10.63
CA GLY A 25 1.42 5.73 9.32
C GLY A 25 0.97 7.18 9.28
N ASN A 26 0.15 7.50 8.28
CA ASN A 26 -0.26 8.89 8.04
C ASN A 26 -0.63 9.63 9.32
N PHE A 27 -1.75 9.27 9.94
CA PHE A 27 -2.10 9.81 11.23
C PHE A 27 -2.27 8.68 12.23
N GLY A 28 -1.97 7.45 11.80
CA GLY A 28 -2.10 6.29 12.67
C GLY A 28 -0.80 5.80 13.28
N SER A 29 -0.90 5.07 14.39
CA SER A 29 0.24 4.39 15.01
C SER A 29 -0.06 2.90 15.14
N VAL A 30 0.95 2.06 14.93
CA VAL A 30 0.75 0.60 14.96
C VAL A 30 1.59 -0.15 16.01
N GLU A 31 0.89 -0.92 16.83
CA GLU A 31 1.53 -1.64 17.92
C GLU A 31 1.33 -3.16 17.82
N MET A 32 2.31 -3.89 18.31
CA MET A 32 2.19 -5.32 18.46
C MET A 32 1.67 -5.56 19.86
N CYS A 33 0.50 -6.21 19.95
CA CYS A 33 -0.08 -6.54 21.26
C CYS A 33 -0.46 -8.01 21.36
N ARG A 34 -0.45 -8.50 22.60
CA ARG A 34 -1.02 -9.79 22.89
C ARG A 34 -2.39 -9.55 23.52
N TYR A 35 -3.41 -10.19 22.95
CA TYR A 35 -4.74 -10.17 23.56
C TYR A 35 -4.83 -11.39 24.45
N ASP A 36 -4.74 -11.16 25.76
CA ASP A 36 -4.51 -12.24 26.71
C ASP A 36 -5.40 -12.24 27.95
N PRO A 37 -6.69 -12.58 27.78
CA PRO A 37 -7.69 -12.64 28.87
C PRO A 37 -7.31 -13.65 29.96
N LEU A 38 -6.73 -14.78 29.61
CA LEU A 38 -6.41 -15.78 30.61
C LEU A 38 -5.18 -15.36 31.41
N GLN A 39 -4.54 -14.29 30.96
CA GLN A 39 -3.38 -13.72 31.66
C GLN A 39 -2.13 -14.60 31.65
N ASP A 40 -2.18 -15.71 30.94
CA ASP A 40 -1.05 -16.63 30.93
C ASP A 40 -0.04 -16.44 29.77
N ASN A 41 -0.30 -15.48 28.90
CA ASN A 41 0.52 -15.28 27.71
C ASN A 41 0.27 -16.31 26.61
N THR A 42 -0.86 -17.01 26.64
CA THR A 42 -1.16 -17.93 25.55
C THR A 42 -2.07 -17.26 24.54
N GLY A 43 -2.58 -16.09 24.89
CA GLY A 43 -3.49 -15.37 24.01
C GLY A 43 -2.84 -15.07 22.67
N GLU A 44 -3.64 -14.60 21.72
CA GLU A 44 -3.16 -14.36 20.37
C GLU A 44 -2.40 -13.04 20.24
N VAL A 45 -1.24 -13.07 19.59
CA VAL A 45 -0.59 -11.84 19.20
C VAL A 45 -1.30 -11.23 17.99
N VAL A 46 -1.63 -9.95 18.09
CA VAL A 46 -2.39 -9.27 17.05
C VAL A 46 -1.79 -7.89 16.82
N ALA A 47 -2.18 -7.25 15.72
CA ALA A 47 -1.69 -5.90 15.41
C ALA A 47 -2.77 -4.87 15.69
N VAL A 48 -2.37 -3.79 16.32
CA VAL A 48 -3.30 -2.75 16.77
C VAL A 48 -2.99 -1.36 16.19
N LYS A 49 -3.93 -0.82 15.42
CA LYS A 49 -3.80 0.53 14.88
C LYS A 49 -4.74 1.48 15.61
N LYS A 50 -4.21 2.63 16.01
CA LYS A 50 -5.05 3.66 16.66
C LYS A 50 -4.70 5.06 16.17
N LEU A 51 -5.58 6.01 16.46
CA LEU A 51 -5.27 7.38 16.10
C LEU A 51 -4.05 7.85 16.89
N GLN A 52 -3.01 8.20 16.16
CA GLN A 52 -1.84 8.82 16.73
C GLN A 52 -2.26 9.94 17.69
N HIS A 53 -3.00 10.92 17.17
CA HIS A 53 -3.56 11.97 18.02
C HIS A 53 -4.98 12.24 17.57
N SER A 54 -5.92 11.92 18.46
CA SER A 54 -7.33 11.84 18.10
C SER A 54 -8.07 13.18 18.10
N THR A 55 -8.96 13.33 17.12
CA THR A 55 -9.84 14.47 16.95
C THR A 55 -11.11 13.93 16.29
N GLU A 56 -12.17 14.73 16.27
CA GLU A 56 -13.45 14.26 15.74
C GLU A 56 -13.37 13.83 14.27
N GLU A 57 -12.79 14.70 13.45
CA GLU A 57 -12.65 14.44 12.02
C GLU A 57 -11.85 13.17 11.76
N HIS A 58 -10.69 13.06 12.40
CA HIS A 58 -9.87 11.86 12.27
C HIS A 58 -10.60 10.59 12.71
N LEU A 59 -11.39 10.73 13.78
CA LEU A 59 -12.15 9.61 14.29
C LEU A 59 -13.20 9.18 13.28
N ARG A 60 -13.96 10.16 12.82
CA ARG A 60 -14.94 9.94 11.77
C ARG A 60 -14.29 9.28 10.56
N ASP A 61 -13.12 9.77 10.18
CA ASP A 61 -12.36 9.18 9.09
C ASP A 61 -11.98 7.74 9.42
N PHE A 62 -11.50 7.56 10.65
CA PHE A 62 -10.96 6.29 11.10
C PHE A 62 -12.04 5.24 11.21
N GLU A 63 -13.20 5.66 11.71
CA GLU A 63 -14.35 4.76 11.79
C GLU A 63 -14.70 4.28 10.39
N ARG A 64 -14.43 5.10 9.40
CA ARG A 64 -14.76 4.75 8.03
C ARG A 64 -13.73 3.79 7.47
N GLU A 65 -12.47 4.04 7.84
CA GLU A 65 -11.40 3.13 7.55
C GLU A 65 -11.79 1.77 8.10
N ILE A 66 -12.25 1.74 9.34
CA ILE A 66 -12.68 0.50 9.95
C ILE A 66 -13.82 -0.19 9.20
N GLU A 67 -14.91 0.53 8.95
CA GLU A 67 -16.00 -0.01 8.14
C GLU A 67 -15.44 -0.58 6.85
N ILE A 68 -14.48 0.13 6.26
CA ILE A 68 -13.90 -0.30 5.00
C ILE A 68 -13.20 -1.65 5.12
N LEU A 69 -12.29 -1.76 6.09
CA LEU A 69 -11.58 -3.02 6.28
C LEU A 69 -12.49 -4.16 6.71
N LYS A 70 -13.43 -3.85 7.58
CA LYS A 70 -14.49 -4.77 7.95
C LYS A 70 -15.10 -5.31 6.66
N SER A 71 -15.34 -4.40 5.72
CA SER A 71 -15.88 -4.70 4.40
C SER A 71 -15.20 -5.82 3.63
N LEU A 72 -13.93 -6.10 3.93
CA LEU A 72 -13.10 -6.86 3.00
C LEU A 72 -12.65 -8.25 3.44
N GLN A 73 -12.97 -9.24 2.60
CA GLN A 73 -12.45 -10.58 2.73
C GLN A 73 -11.62 -10.85 1.49
N HIS A 74 -10.36 -11.25 1.66
CA HIS A 74 -9.50 -11.58 0.53
C HIS A 74 -8.17 -12.14 0.99
N ASP A 75 -7.55 -12.98 0.15
CA ASP A 75 -6.32 -13.65 0.54
C ASP A 75 -5.17 -12.69 0.74
N ASN A 76 -5.19 -11.59 -0.01
CA ASN A 76 -4.05 -10.69 -0.03
C ASN A 76 -4.46 -9.33 0.53
N ILE A 77 -5.36 -9.37 1.49
CA ILE A 77 -5.74 -8.20 2.26
C ILE A 77 -5.71 -8.62 3.70
N VAL A 78 -4.98 -7.87 4.52
CA VAL A 78 -4.75 -8.22 5.92
C VAL A 78 -6.09 -8.39 6.59
N LYS A 79 -6.18 -9.31 7.56
CA LYS A 79 -7.47 -9.66 8.16
C LYS A 79 -7.95 -8.78 9.32
N TYR A 80 -9.11 -8.18 9.15
CA TYR A 80 -9.82 -7.55 10.24
C TYR A 80 -10.15 -8.56 11.32
N LYS A 81 -9.84 -8.21 12.57
CA LYS A 81 -10.25 -9.03 13.71
C LYS A 81 -11.39 -8.40 14.48
N GLY A 82 -11.21 -7.17 14.95
CA GLY A 82 -12.29 -6.50 15.63
C GLY A 82 -11.91 -5.09 15.98
N VAL A 83 -12.65 -4.47 16.88
CA VAL A 83 -12.29 -3.14 17.35
C VAL A 83 -12.24 -3.12 18.85
N CYS A 84 -11.66 -2.06 19.38
CA CYS A 84 -11.48 -1.92 20.80
C CYS A 84 -11.68 -0.46 21.15
N TYR A 85 -12.69 -0.22 21.97
CA TYR A 85 -13.06 1.14 22.36
C TYR A 85 -12.35 1.41 23.65
N SER A 86 -11.61 2.51 23.71
CA SER A 86 -10.94 2.88 24.94
C SER A 86 -11.93 3.63 25.84
N ALA A 87 -11.79 3.46 27.15
CA ALA A 87 -12.52 4.29 28.08
C ALA A 87 -12.16 5.74 27.77
N GLY A 88 -13.12 6.63 27.94
CA GLY A 88 -12.86 8.02 27.61
C GLY A 88 -12.86 8.24 26.11
N ARG A 89 -13.11 7.16 25.37
CA ARG A 89 -13.25 7.18 23.92
C ARG A 89 -12.14 8.00 23.29
N ARG A 90 -10.97 7.89 23.89
CA ARG A 90 -9.82 8.72 23.56
C ARG A 90 -9.05 8.21 22.34
N ASN A 91 -9.13 6.90 22.10
CA ASN A 91 -8.21 6.26 21.14
C ASN A 91 -8.85 5.57 19.92
N LEU A 92 -9.85 4.72 20.16
CA LEU A 92 -10.34 3.74 19.17
C LEU A 92 -9.22 2.93 18.51
N LYS A 93 -9.27 1.61 18.64
CA LYS A 93 -8.22 0.77 18.05
C LYS A 93 -8.76 -0.20 17.03
N LEU A 94 -8.05 -0.30 15.92
CA LEU A 94 -8.34 -1.30 14.91
C LEU A 94 -7.50 -2.52 15.23
N ILE A 95 -8.17 -3.67 15.40
CA ILE A 95 -7.49 -4.91 15.70
C ILE A 95 -7.34 -5.75 14.44
N MET A 96 -6.14 -6.24 14.19
CA MET A 96 -5.86 -6.96 12.98
C MET A 96 -4.97 -8.17 13.20
N GLU A 97 -5.03 -9.10 12.24
CA GLU A 97 -4.18 -10.26 12.31
C GLU A 97 -2.76 -9.76 12.25
N TYR A 98 -1.89 -10.38 13.04
CA TYR A 98 -0.48 -10.04 13.00
C TYR A 98 0.27 -10.84 11.92
N LEU A 99 0.97 -10.13 11.05
CA LEU A 99 1.83 -10.76 10.05
C LEU A 99 3.26 -10.52 10.50
N PRO A 100 4.04 -11.60 10.61
CA PRO A 100 5.27 -11.60 11.40
C PRO A 100 6.50 -10.99 10.70
N TYR A 101 6.42 -10.72 9.40
CA TYR A 101 7.56 -10.20 8.66
C TYR A 101 7.60 -8.68 8.42
N GLY A 102 6.60 -7.92 8.86
CA GLY A 102 6.60 -6.50 8.62
C GLY A 102 6.26 -6.19 7.18
N SER A 103 6.75 -5.05 6.69
CA SER A 103 6.40 -4.64 5.34
C SER A 103 7.29 -5.26 4.26
N LEU A 104 6.74 -5.38 3.08
CA LEU A 104 7.48 -5.84 1.93
C LEU A 104 8.73 -4.99 1.71
N ARG A 105 8.64 -3.68 1.96
CA ARG A 105 9.80 -2.79 1.91
C ARG A 105 11.00 -3.39 2.64
N ASP A 106 10.82 -3.65 3.93
CA ASP A 106 11.88 -4.09 4.82
C ASP A 106 12.24 -5.56 4.65
N TYR A 107 11.24 -6.38 4.39
CA TYR A 107 11.47 -7.79 4.09
C TYR A 107 12.34 -7.96 2.84
N LEU A 108 11.99 -7.26 1.78
CA LEU A 108 12.76 -7.31 0.54
C LEU A 108 14.13 -6.71 0.80
N GLN A 109 14.13 -5.61 1.54
CA GLN A 109 15.32 -4.87 1.90
C GLN A 109 16.46 -5.74 2.39
N LYS A 110 16.14 -6.84 3.06
CA LYS A 110 17.19 -7.62 3.72
C LYS A 110 17.19 -9.13 3.44
N HIS A 111 16.20 -9.64 2.71
CA HIS A 111 16.23 -11.02 2.29
C HIS A 111 16.26 -11.09 0.77
N LYS A 112 17.00 -10.18 0.16
CA LYS A 112 17.02 -10.05 -1.29
C LYS A 112 17.77 -11.19 -1.98
N GLU A 113 18.76 -11.73 -1.28
CA GLU A 113 19.58 -12.81 -1.80
C GLU A 113 18.73 -13.99 -2.27
N ARG A 114 17.68 -14.28 -1.52
CA ARG A 114 16.84 -15.44 -1.84
C ARG A 114 15.55 -15.06 -2.56
N ILE A 115 15.42 -13.80 -2.97
CA ILE A 115 14.23 -13.40 -3.70
C ILE A 115 14.57 -13.14 -5.15
N ASP A 116 14.08 -14.02 -6.02
CA ASP A 116 14.39 -13.90 -7.43
C ASP A 116 13.24 -13.28 -8.15
N HIS A 117 13.40 -13.04 -9.44
CA HIS A 117 12.37 -12.40 -10.23
C HIS A 117 11.07 -13.19 -10.15
N ILE A 118 11.21 -14.51 -10.00
CA ILE A 118 10.05 -15.39 -9.96
C ILE A 118 9.15 -15.03 -8.77
N LYS A 119 9.75 -14.94 -7.59
CA LYS A 119 8.98 -14.61 -6.40
C LYS A 119 8.39 -13.20 -6.55
N LEU A 120 9.18 -12.29 -7.11
CA LEU A 120 8.74 -10.90 -7.23
C LEU A 120 7.47 -10.78 -8.04
N LEU A 121 7.20 -11.80 -8.86
CA LEU A 121 5.99 -11.78 -9.66
C LEU A 121 4.84 -12.46 -8.94
N GLN A 122 5.14 -13.41 -8.05
CA GLN A 122 4.09 -13.99 -7.24
C GLN A 122 3.51 -12.85 -6.42
N TYR A 123 4.41 -12.16 -5.73
CA TYR A 123 4.07 -10.93 -5.01
C TYR A 123 3.28 -9.94 -5.87
N THR A 124 3.69 -9.77 -7.13
CA THR A 124 3.02 -8.82 -8.04
C THR A 124 1.58 -9.21 -8.40
N SER A 125 1.36 -10.49 -8.70
CA SER A 125 0.01 -10.90 -9.03
C SER A 125 -0.87 -10.80 -7.78
N GLN A 126 -0.40 -11.28 -6.64
CA GLN A 126 -1.17 -11.17 -5.41
C GLN A 126 -1.67 -9.74 -5.21
N ILE A 127 -0.76 -8.77 -5.32
CA ILE A 127 -1.10 -7.35 -5.13
C ILE A 127 -2.15 -6.90 -6.13
N CYS A 128 -2.03 -7.41 -7.35
CA CYS A 128 -2.98 -7.10 -8.41
C CYS A 128 -4.38 -7.61 -8.14
N LYS A 129 -4.44 -8.82 -7.60
CA LYS A 129 -5.72 -9.41 -7.27
C LYS A 129 -6.40 -8.63 -6.16
N GLY A 130 -5.68 -8.40 -5.06
CA GLY A 130 -6.20 -7.59 -3.98
C GLY A 130 -6.78 -6.28 -4.51
N MET A 131 -6.02 -5.61 -5.36
CA MET A 131 -6.50 -4.35 -5.90
C MET A 131 -7.69 -4.59 -6.80
N GLU A 132 -7.72 -5.73 -7.48
CA GLU A 132 -8.87 -5.99 -8.36
C GLU A 132 -10.14 -6.03 -7.53
N TYR A 133 -10.09 -6.78 -6.44
CA TYR A 133 -11.17 -6.94 -5.50
C TYR A 133 -11.53 -5.61 -4.81
N LEU A 134 -10.52 -4.93 -4.31
CA LEU A 134 -10.68 -3.59 -3.81
C LEU A 134 -11.50 -2.84 -4.84
N GLY A 135 -11.14 -3.07 -6.11
CA GLY A 135 -11.75 -2.38 -7.22
C GLY A 135 -13.21 -2.71 -7.41
N THR A 136 -13.55 -3.98 -7.21
CA THR A 136 -14.95 -4.40 -7.34
C THR A 136 -15.85 -3.82 -6.24
N LYS A 137 -15.26 -3.40 -5.12
CA LYS A 137 -16.04 -2.76 -4.08
C LYS A 137 -16.10 -1.24 -4.24
N ARG A 138 -15.49 -0.74 -5.31
CA ARG A 138 -15.49 0.69 -5.60
C ARG A 138 -14.67 1.50 -4.61
N TYR A 139 -13.63 0.88 -4.09
CA TYR A 139 -12.71 1.49 -3.13
C TYR A 139 -11.42 1.88 -3.84
N ILE A 140 -10.95 3.10 -3.58
CA ILE A 140 -9.68 3.56 -4.12
C ILE A 140 -8.66 3.70 -2.97
N HIS A 141 -7.60 2.91 -3.05
CA HIS A 141 -6.59 2.86 -1.99
C HIS A 141 -5.90 4.18 -1.78
N ARG A 142 -5.38 4.71 -2.88
CA ARG A 142 -4.74 6.02 -2.88
C ARG A 142 -3.34 6.05 -2.29
N ASP A 143 -2.88 4.96 -1.68
CA ASP A 143 -1.63 5.03 -0.94
C ASP A 143 -0.78 3.77 -1.11
N LEU A 144 -0.94 3.13 -2.27
CA LEU A 144 -0.25 1.91 -2.62
C LEU A 144 1.28 2.02 -2.66
N ALA A 145 1.97 1.17 -1.91
CA ALA A 145 3.43 1.21 -1.89
C ALA A 145 4.00 0.07 -1.02
N THR A 146 5.23 -0.38 -1.31
CA THR A 146 5.78 -1.54 -0.62
C THR A 146 5.72 -1.36 0.89
N ARG A 147 5.76 -0.12 1.35
CA ARG A 147 5.82 0.13 2.79
C ARG A 147 4.46 -0.19 3.40
N ASN A 148 3.43 -0.19 2.56
CA ASN A 148 2.09 -0.51 3.00
C ASN A 148 1.70 -1.96 2.73
N ILE A 149 2.53 -2.69 1.99
CA ILE A 149 2.25 -4.10 1.72
C ILE A 149 2.96 -4.96 2.73
N LEU A 150 2.25 -5.93 3.28
CA LEU A 150 2.80 -6.75 4.36
C LEU A 150 3.08 -8.19 3.97
N VAL A 151 4.09 -8.75 4.61
CA VAL A 151 4.50 -10.11 4.35
C VAL A 151 4.10 -11.07 5.46
N GLU A 152 3.23 -12.00 5.11
CA GLU A 152 2.79 -13.09 5.98
C GLU A 152 3.89 -14.16 6.09
N ASN A 153 4.16 -14.79 4.96
CA ASN A 153 5.36 -15.62 4.80
C ASN A 153 5.86 -15.41 3.38
N GLU A 154 6.95 -16.10 3.06
CA GLU A 154 7.63 -15.89 1.80
C GLU A 154 6.76 -16.15 0.57
N ASN A 155 5.60 -16.74 0.78
CA ASN A 155 4.68 -17.03 -0.32
C ASN A 155 3.40 -16.21 -0.32
N ARG A 156 3.24 -15.30 0.64
CA ARG A 156 2.03 -14.48 0.69
C ARG A 156 2.23 -13.08 1.26
N VAL A 157 1.84 -12.08 0.48
CA VAL A 157 1.88 -10.71 0.95
C VAL A 157 0.48 -10.16 0.91
N LYS A 158 0.20 -9.18 1.76
CA LYS A 158 -1.14 -8.64 1.78
C LYS A 158 -1.10 -7.14 1.91
N ILE A 159 -2.10 -6.48 1.33
CA ILE A 159 -2.22 -5.05 1.45
C ILE A 159 -2.63 -4.80 2.88
N GLY A 160 -1.88 -3.95 3.58
CA GLY A 160 -1.89 -3.93 5.02
C GLY A 160 -2.37 -2.64 5.65
N ASP A 161 -2.72 -1.66 4.82
CA ASP A 161 -3.22 -0.40 5.33
C ASP A 161 -4.18 0.20 4.35
N PHE A 162 -5.19 0.88 4.87
CA PHE A 162 -6.25 1.43 4.07
C PHE A 162 -6.63 2.74 4.70
N GLY A 163 -5.62 3.40 5.25
CA GLY A 163 -5.76 4.64 5.99
C GLY A 163 -6.16 5.81 5.13
N LEU A 164 -5.87 5.74 3.83
CA LEU A 164 -6.32 6.79 2.93
C LEU A 164 -7.27 6.23 1.88
N THR A 165 -7.91 5.11 2.17
CA THR A 165 -8.81 4.51 1.19
C THR A 165 -10.15 5.22 1.15
N LYS A 166 -10.66 5.45 -0.05
CA LYS A 166 -11.95 6.10 -0.23
C LYS A 166 -12.95 5.27 -1.03
N VAL A 167 -14.22 5.59 -0.83
CA VAL A 167 -15.33 5.01 -1.57
C VAL A 167 -15.68 5.85 -2.79
N LEU A 168 -15.80 5.22 -3.94
CA LEU A 168 -16.22 5.92 -5.13
C LEU A 168 -17.70 6.35 -5.00
N PRO A 169 -18.01 7.62 -5.30
CA PRO A 169 -19.41 8.08 -5.29
C PRO A 169 -20.18 7.26 -6.30
N GLN A 170 -21.49 7.12 -6.10
CA GLN A 170 -22.25 6.07 -6.79
C GLN A 170 -22.11 6.07 -8.31
N ASP A 171 -22.19 7.25 -8.91
CA ASP A 171 -22.05 7.38 -10.34
C ASP A 171 -20.59 7.60 -10.75
N LYS A 172 -20.04 8.75 -10.34
CA LYS A 172 -18.70 9.18 -10.71
C LYS A 172 -17.65 8.09 -10.56
N GLU A 173 -16.62 8.16 -11.39
CA GLU A 173 -15.57 7.15 -11.44
C GLU A 173 -14.26 7.60 -10.80
N PTR A 174 -14.29 8.73 -10.11
CA PTR A 174 -13.12 9.26 -9.43
C PTR A 174 -13.52 9.97 -8.13
O PTR A 174 -14.67 10.35 -7.98
CB PTR A 174 -12.40 10.23 -10.37
CG PTR A 174 -13.31 11.24 -11.01
CD1 PTR A 174 -14.02 10.93 -12.17
CD2 PTR A 174 -13.48 12.52 -10.48
CE1 PTR A 174 -14.84 11.84 -12.79
CE2 PTR A 174 -14.32 13.44 -11.09
CZ PTR A 174 -15.00 13.09 -12.25
OH PTR A 174 -15.76 13.87 -12.84
P PTR A 174 -15.79 15.48 -12.72
O1P PTR A 174 -16.78 15.84 -11.67
O2P PTR A 174 -16.23 16.02 -14.09
O3P PTR A 174 -14.44 16.15 -12.36
N PTR A 175 -12.57 10.15 -7.22
CA PTR A 175 -12.81 10.91 -6.00
C PTR A 175 -11.92 12.14 -5.96
O PTR A 175 -10.74 12.06 -6.31
CB PTR A 175 -12.53 10.07 -4.75
CG PTR A 175 -13.13 10.60 -3.45
CD1 PTR A 175 -12.43 11.51 -2.64
CD2 PTR A 175 -14.38 10.15 -3.02
CE1 PTR A 175 -12.99 11.97 -1.46
CE2 PTR A 175 -14.94 10.61 -1.85
CZ PTR A 175 -14.25 11.52 -1.07
OH PTR A 175 -14.81 11.88 -0.02
P PTR A 175 -14.21 12.88 1.10
O1P PTR A 175 -14.79 12.48 2.40
O2P PTR A 175 -14.60 14.33 0.77
O3P PTR A 175 -12.66 12.79 1.18
N LYS A 176 -12.47 13.26 -5.54
CA LYS A 176 -11.71 14.51 -5.39
C LYS A 176 -11.67 14.94 -3.93
N VAL A 177 -10.49 15.29 -3.45
CA VAL A 177 -10.29 15.54 -2.01
C VAL A 177 -10.10 17.01 -1.66
N SER A 183 0.74 14.31 0.92
CA SER A 183 1.09 12.89 1.06
C SER A 183 2.13 12.46 -0.01
N PRO A 184 2.16 11.17 -0.44
CA PRO A 184 3.35 10.64 -1.11
C PRO A 184 3.38 10.86 -2.62
N ILE A 185 3.96 11.98 -3.05
CA ILE A 185 3.83 12.43 -4.43
C ILE A 185 4.55 11.57 -5.47
N PHE A 186 5.56 10.81 -5.07
CA PHE A 186 6.32 10.05 -6.04
C PHE A 186 5.66 8.73 -6.42
N TRP A 187 4.50 8.47 -5.84
CA TRP A 187 3.67 7.32 -6.21
C TRP A 187 2.42 7.79 -6.96
N TYR A 188 2.16 9.09 -6.95
CA TYR A 188 0.92 9.63 -7.51
C TYR A 188 0.90 9.75 -9.02
N ALA A 189 -0.24 9.39 -9.60
CA ALA A 189 -0.55 9.69 -10.97
C ALA A 189 -0.72 11.20 -11.12
N PRO A 190 -0.48 11.72 -12.33
CA PRO A 190 -0.43 13.16 -12.58
C PRO A 190 -1.75 13.91 -12.34
N GLU A 191 -2.88 13.30 -12.70
CA GLU A 191 -4.17 13.95 -12.48
C GLU A 191 -4.51 14.02 -10.99
N SER A 192 -3.90 13.13 -10.21
CA SER A 192 -3.99 13.17 -8.74
C SER A 192 -3.19 14.34 -8.23
N LEU A 193 -1.98 14.47 -8.77
CA LEU A 193 -1.14 15.63 -8.51
C LEU A 193 -1.79 16.98 -8.84
N THR A 194 -2.30 17.11 -10.07
CA THR A 194 -2.81 18.42 -10.53
C THR A 194 -4.26 18.68 -10.16
N GLU A 195 -5.09 17.65 -10.26
CA GLU A 195 -6.53 17.83 -10.11
C GLU A 195 -7.01 17.14 -8.85
N SER A 196 -6.11 16.42 -8.20
CA SER A 196 -6.45 15.78 -6.94
C SER A 196 -7.52 14.74 -7.18
N LYS A 197 -7.50 14.14 -8.36
CA LYS A 197 -8.48 13.13 -8.72
C LYS A 197 -7.88 11.76 -8.56
N PHE A 198 -8.52 10.93 -7.74
CA PHE A 198 -8.05 9.56 -7.52
C PHE A 198 -9.05 8.55 -8.06
N SER A 199 -8.55 7.42 -8.55
CA SER A 199 -9.40 6.44 -9.21
C SER A 199 -8.70 5.11 -9.32
N VAL A 200 -9.38 4.13 -9.92
CA VAL A 200 -8.81 2.82 -10.10
C VAL A 200 -7.57 2.97 -10.94
N ALA A 201 -7.65 3.90 -11.88
CA ALA A 201 -6.56 4.21 -12.79
C ALA A 201 -5.35 4.84 -12.10
N SER A 202 -5.59 5.82 -11.22
CA SER A 202 -4.50 6.38 -10.41
C SER A 202 -3.85 5.33 -9.51
N ASP A 203 -4.60 4.29 -9.11
CA ASP A 203 -4.03 3.18 -8.35
C ASP A 203 -3.18 2.27 -9.21
N VAL A 204 -3.57 2.09 -10.45
CA VAL A 204 -2.75 1.30 -11.38
C VAL A 204 -1.41 2.01 -11.60
N TRP A 205 -1.46 3.34 -11.69
CA TRP A 205 -0.26 4.16 -11.80
C TRP A 205 0.67 3.82 -10.63
N SER A 206 0.22 4.10 -9.42
CA SER A 206 0.99 3.81 -8.21
C SER A 206 1.47 2.38 -8.18
N PHE A 207 0.61 1.46 -8.62
CA PHE A 207 1.00 0.08 -8.69
C PHE A 207 2.22 -0.13 -9.60
N GLY A 208 2.26 0.60 -10.72
CA GLY A 208 3.46 0.63 -11.55
C GLY A 208 4.70 0.99 -10.74
N VAL A 209 4.59 2.02 -9.90
CA VAL A 209 5.64 2.41 -8.96
C VAL A 209 6.02 1.30 -7.93
N VAL A 210 5.02 0.67 -7.35
CA VAL A 210 5.30 -0.51 -6.54
C VAL A 210 6.07 -1.55 -7.37
N LEU A 211 5.62 -1.80 -8.59
CA LEU A 211 6.32 -2.75 -9.44
C LEU A 211 7.80 -2.36 -9.57
N TYR A 212 8.03 -1.07 -9.83
CA TYR A 212 9.36 -0.53 -9.80
C TYR A 212 10.09 -0.82 -8.47
N GLU A 213 9.54 -0.40 -7.34
CA GLU A 213 10.21 -0.61 -6.05
C GLU A 213 10.66 -2.06 -5.97
N LEU A 214 9.78 -2.95 -6.41
CA LEU A 214 10.02 -4.37 -6.31
C LEU A 214 11.34 -4.76 -6.97
N PHE A 215 11.44 -4.47 -8.27
CA PHE A 215 12.64 -4.82 -9.02
C PHE A 215 13.84 -3.92 -8.79
N THR A 216 13.75 -3.03 -7.82
CA THR A 216 14.94 -2.31 -7.38
C THR A 216 15.44 -2.94 -6.10
N TYR A 217 14.68 -3.91 -5.59
CA TYR A 217 15.02 -4.60 -4.35
C TYR A 217 15.28 -3.60 -3.21
N ILE A 218 14.71 -2.41 -3.35
CA ILE A 218 14.78 -1.37 -2.33
C ILE A 218 16.19 -0.92 -1.93
N GLU A 219 17.06 -0.74 -2.90
CA GLU A 219 18.26 0.05 -2.63
C GLU A 219 17.74 1.42 -2.23
N LYS A 220 18.36 2.03 -1.23
CA LYS A 220 17.81 3.28 -0.68
C LYS A 220 18.03 4.42 -1.66
N SER A 221 19.13 4.30 -2.41
CA SER A 221 19.51 5.25 -3.46
C SER A 221 18.61 5.17 -4.68
N LYS A 222 17.97 4.02 -4.87
CA LYS A 222 17.15 3.77 -6.04
C LYS A 222 15.67 3.91 -5.77
N SER A 223 15.33 4.42 -4.59
CA SER A 223 13.91 4.65 -4.29
C SER A 223 13.35 5.74 -5.20
N PRO A 224 12.04 5.68 -5.46
CA PRO A 224 11.39 6.65 -6.35
C PRO A 224 11.61 8.10 -5.92
N PRO A 225 11.53 8.40 -4.60
CA PRO A 225 11.77 9.77 -4.19
C PRO A 225 13.18 10.17 -4.56
N ALA A 226 14.12 9.24 -4.43
CA ALA A 226 15.50 9.51 -4.76
C ALA A 226 15.65 9.76 -6.25
N GLU A 227 15.25 8.80 -7.07
CA GLU A 227 15.43 8.89 -8.52
C GLU A 227 14.82 10.14 -9.12
N PHE A 228 13.62 10.47 -8.67
CA PHE A 228 12.93 11.67 -9.12
C PHE A 228 13.67 12.94 -8.67
N MET A 229 14.19 12.91 -7.44
CA MET A 229 14.97 14.05 -6.93
C MET A 229 16.23 14.22 -7.77
N ARG A 230 16.80 13.11 -8.19
CA ARG A 230 17.94 13.13 -9.11
C ARG A 230 17.53 13.81 -10.43
N MET A 231 16.23 14.03 -10.63
CA MET A 231 15.72 14.73 -11.82
C MET A 231 15.33 16.16 -11.50
N ILE A 232 14.56 16.33 -10.44
CA ILE A 232 14.09 17.62 -10.00
C ILE A 232 15.26 18.48 -9.52
N GLY A 233 16.39 17.81 -9.29
CA GLY A 233 17.55 18.46 -8.72
C GLY A 233 17.33 18.79 -7.27
N ASN A 234 18.33 18.47 -6.46
CA ASN A 234 18.28 18.78 -5.04
C ASN A 234 18.89 20.15 -4.79
N ASP A 235 18.10 21.15 -5.16
CA ASP A 235 18.48 22.55 -5.12
C ASP A 235 17.18 23.33 -5.21
N LYS A 236 16.15 22.65 -5.69
CA LYS A 236 14.83 23.28 -5.86
C LYS A 236 14.28 23.66 -4.50
N GLN A 237 13.22 24.45 -4.48
CA GLN A 237 12.66 24.96 -3.24
C GLN A 237 11.82 23.92 -2.48
N GLY A 238 10.66 24.37 -2.00
CA GLY A 238 9.70 23.54 -1.27
C GLY A 238 8.60 22.99 -2.15
N GLN A 239 7.47 23.71 -2.23
CA GLN A 239 6.37 23.33 -3.13
C GLN A 239 6.84 23.19 -4.58
N MET A 240 8.04 23.70 -4.85
CA MET A 240 8.59 23.66 -6.19
C MET A 240 8.89 22.24 -6.64
N ILE A 241 8.90 21.32 -5.69
CA ILE A 241 9.20 19.93 -6.01
C ILE A 241 8.05 19.28 -6.77
N VAL A 242 6.86 19.39 -6.22
CA VAL A 242 5.67 18.92 -6.90
C VAL A 242 5.63 19.47 -8.33
N PHE A 243 5.62 20.80 -8.42
CA PHE A 243 5.55 21.51 -9.69
C PHE A 243 6.50 21.01 -10.75
N HIS A 244 7.73 20.70 -10.35
CA HIS A 244 8.72 20.18 -11.28
C HIS A 244 8.46 18.73 -11.65
N LEU A 245 7.93 17.98 -10.70
CA LEU A 245 7.59 16.57 -10.92
C LEU A 245 6.49 16.49 -11.97
N ILE A 246 5.45 17.28 -11.75
CA ILE A 246 4.38 17.45 -12.72
C ILE A 246 4.89 17.70 -14.14
N GLU A 247 5.67 18.76 -14.28
CA GLU A 247 6.22 19.17 -15.57
C GLU A 247 6.97 18.02 -16.20
N LEU A 248 7.75 17.36 -15.36
CA LEU A 248 8.56 16.23 -15.76
C LEU A 248 7.63 15.12 -16.21
N LEU A 249 6.57 14.90 -15.44
CA LEU A 249 5.64 13.86 -15.82
C LEU A 249 4.87 14.28 -17.07
N LYS A 250 4.45 15.53 -17.12
CA LYS A 250 3.77 16.05 -18.33
C LYS A 250 4.52 15.71 -19.60
N ASN A 251 5.85 15.83 -19.57
CA ASN A 251 6.68 15.58 -20.76
C ASN A 251 7.28 14.18 -20.82
N ASN A 252 6.59 13.23 -20.21
CA ASN A 252 7.03 11.85 -20.16
C ASN A 252 8.35 11.52 -19.47
N GLY A 253 8.76 12.36 -18.52
CA GLY A 253 9.79 11.95 -17.58
C GLY A 253 9.32 10.75 -16.78
N ARG A 254 10.19 9.76 -16.61
CA ARG A 254 9.81 8.47 -16.04
C ARG A 254 10.98 7.88 -15.26
N LEU A 255 10.67 7.09 -14.23
CA LEU A 255 11.66 6.26 -13.55
C LEU A 255 12.31 5.29 -14.53
N PRO A 256 13.60 4.98 -14.30
CA PRO A 256 14.40 4.10 -15.17
C PRO A 256 14.09 2.62 -15.00
N ARG A 257 14.40 1.82 -16.02
CA ARG A 257 14.42 0.38 -15.87
C ARG A 257 15.52 0.04 -14.87
N PRO A 258 15.13 -0.43 -13.68
CA PRO A 258 16.12 -0.86 -12.68
C PRO A 258 17.09 -1.94 -13.19
N ASP A 259 18.26 -2.02 -12.58
CA ASP A 259 19.26 -3.01 -12.95
C ASP A 259 18.69 -4.41 -13.04
N GLY A 260 18.92 -5.08 -14.15
CA GLY A 260 18.61 -6.48 -14.29
C GLY A 260 17.16 -6.76 -14.59
N CYS A 261 16.40 -5.70 -14.87
CA CYS A 261 14.97 -5.84 -15.03
C CYS A 261 14.59 -6.16 -16.47
N PRO A 262 13.80 -7.23 -16.67
CA PRO A 262 13.36 -7.64 -18.00
C PRO A 262 12.42 -6.61 -18.61
N ASP A 263 12.65 -6.31 -19.88
CA ASP A 263 11.89 -5.27 -20.53
C ASP A 263 10.44 -5.65 -20.56
N GLU A 264 10.17 -6.95 -20.53
CA GLU A 264 8.79 -7.44 -20.46
C GLU A 264 8.14 -6.88 -19.19
N ILE A 265 8.89 -6.92 -18.10
CA ILE A 265 8.48 -6.33 -16.83
C ILE A 265 8.41 -4.82 -16.91
N TYR A 266 9.51 -4.19 -17.31
CA TYR A 266 9.53 -2.74 -17.44
C TYR A 266 8.39 -2.21 -18.30
N MET A 267 7.94 -3.01 -19.25
CA MET A 267 6.95 -2.56 -20.20
C MET A 267 5.60 -2.32 -19.52
N ILE A 268 5.25 -3.20 -18.58
CA ILE A 268 4.08 -3.00 -17.73
C ILE A 268 4.20 -1.69 -16.95
N MET A 269 5.35 -1.51 -16.30
CA MET A 269 5.60 -0.29 -15.54
C MET A 269 5.22 0.93 -16.36
N THR A 270 5.78 1.03 -17.56
CA THR A 270 5.53 2.21 -18.38
C THR A 270 4.10 2.23 -18.92
N GLU A 271 3.53 1.05 -19.13
CA GLU A 271 2.12 1.02 -19.51
C GLU A 271 1.27 1.59 -18.39
N CYS A 272 1.59 1.25 -17.14
CA CYS A 272 0.86 1.82 -15.99
C CYS A 272 1.06 3.33 -15.88
N TRP A 273 2.26 3.78 -16.24
CA TRP A 273 2.60 5.20 -16.18
C TRP A 273 2.23 5.89 -17.47
N ASN A 274 0.95 5.91 -17.76
CA ASN A 274 0.46 6.51 -18.98
C ASN A 274 -0.20 7.80 -18.62
N ASN A 275 0.18 8.89 -19.29
CA ASN A 275 -0.42 10.16 -19.01
C ASN A 275 -1.92 10.13 -19.23
N ASN A 276 -2.38 9.29 -20.15
CA ASN A 276 -3.81 9.15 -20.43
C ASN A 276 -4.47 8.10 -19.55
N VAL A 277 -5.41 8.56 -18.72
CA VAL A 277 -6.06 7.71 -17.75
C VAL A 277 -6.62 6.41 -18.34
N ASN A 278 -7.41 6.53 -19.39
CA ASN A 278 -8.11 5.37 -19.96
C ASN A 278 -7.19 4.38 -20.63
N GLN A 279 -6.03 4.81 -21.10
CA GLN A 279 -5.09 3.87 -21.70
C GLN A 279 -4.43 2.99 -20.67
N ARG A 280 -4.57 3.35 -19.41
CA ARG A 280 -3.98 2.56 -18.34
C ARG A 280 -4.71 1.23 -18.25
N PRO A 281 -3.94 0.14 -18.09
CA PRO A 281 -4.49 -1.22 -18.03
C PRO A 281 -5.30 -1.46 -16.74
N SER A 282 -6.08 -2.52 -16.77
CA SER A 282 -6.90 -2.90 -15.63
C SER A 282 -6.12 -3.86 -14.77
N PHE A 283 -6.51 -3.96 -13.51
CA PHE A 283 -5.88 -4.91 -12.61
C PHE A 283 -6.21 -6.32 -13.03
N ARG A 284 -7.44 -6.51 -13.52
CA ARG A 284 -7.84 -7.75 -14.14
C ARG A 284 -6.78 -8.17 -15.16
N ASP A 285 -6.58 -7.33 -16.19
CA ASP A 285 -5.56 -7.53 -17.21
C ASP A 285 -4.20 -7.78 -16.61
N LEU A 286 -3.77 -6.86 -15.77
CA LEU A 286 -2.44 -6.88 -15.21
C LEU A 286 -2.12 -8.20 -14.55
N ALA A 287 -3.06 -8.71 -13.77
CA ALA A 287 -2.87 -9.99 -13.06
C ALA A 287 -2.65 -11.14 -14.04
N LEU A 288 -3.40 -11.14 -15.13
CA LEU A 288 -3.28 -12.20 -16.13
C LEU A 288 -1.92 -12.16 -16.83
N ARG A 289 -1.50 -10.98 -17.30
CA ARG A 289 -0.22 -10.85 -17.97
C ARG A 289 0.90 -11.36 -17.08
N VAL A 290 0.99 -10.79 -15.89
CA VAL A 290 2.03 -11.14 -14.93
C VAL A 290 2.08 -12.64 -14.79
N ASP A 291 0.93 -13.23 -14.53
CA ASP A 291 0.82 -14.67 -14.33
C ASP A 291 1.40 -15.42 -15.51
N GLN A 292 1.03 -15.00 -16.71
CA GLN A 292 1.58 -15.59 -17.93
C GLN A 292 3.11 -15.40 -18.00
N ILE A 293 3.56 -14.16 -17.84
CA ILE A 293 5.01 -13.91 -17.79
C ILE A 293 5.67 -14.86 -16.81
N ARG A 294 5.02 -15.09 -15.68
CA ARG A 294 5.55 -15.99 -14.66
C ARG A 294 5.69 -17.39 -15.23
N ASP A 295 4.57 -17.96 -15.63
CA ASP A 295 4.55 -19.32 -16.17
C ASP A 295 5.76 -19.55 -17.08
N ASN A 296 5.90 -18.69 -18.08
CA ASN A 296 7.01 -18.78 -19.01
C ASN A 296 8.35 -19.08 -18.32
N MET A 297 8.69 -18.29 -17.31
CA MET A 297 9.95 -18.49 -16.60
C MET A 297 10.05 -19.96 -16.20
N ALA A 298 11.07 -20.63 -16.71
CA ALA A 298 11.20 -22.09 -16.57
C ALA A 298 12.62 -22.54 -16.22
N GLY A 299 13.63 -21.80 -16.69
CA GLY A 299 15.01 -22.06 -16.33
C GLY A 299 15.50 -23.46 -16.68
C 17P B . 4.93 -4.60 11.03
C1 17P B . 4.87 -6.05 11.53
N 17P B . 3.51 -6.54 11.23
C2 17P B . 2.63 -5.42 10.84
C3 17P B . 3.46 -4.16 10.84
C4 17P B . 1.11 -5.35 10.89
C5 17P B . 0.52 -4.10 10.29
N6 17P B . 1.40 -3.02 9.82
C7 17P B . 2.79 -2.91 10.31
C8 17P B . 6.27 -3.90 11.15
C9 17P B . 7.33 -4.60 11.97
C10 17P B . 7.45 -6.12 11.86
C11 17P B . 6.11 -6.88 11.88
C12 17P B . 0.36 -6.64 11.05
N13 17P B . 3.59 -1.75 9.87
C14 17P B . 2.90 -0.54 9.41
C15 17P B . 3.63 0.72 9.88
C16 17P B . 3.07 1.98 9.25
C17 17P B . 2.97 1.85 7.72
C18 17P B . 2.09 0.67 7.36
C19 17P B . 2.70 -0.62 7.90
N20 17P B . -1.05 -6.59 10.62
O 17P B . 0.90 -7.56 12.00
C21 17P B . 8.68 -6.80 12.46
C22 17P B . 9.42 -6.24 13.66
N23 17P B . 10.28 -7.32 14.21
N24 17P B . 10.21 -8.51 13.42
C25 17P B . 9.22 -8.21 12.35
C26 17P B . 11.40 -7.12 15.20
#